data_3A1V
#
_entry.id   3A1V
#
_cell.length_a   57.426
_cell.length_b   81.556
_cell.length_c   128.473
_cell.angle_alpha   90.00
_cell.angle_beta   90.00
_cell.angle_gamma   90.00
#
_symmetry.space_group_name_H-M   'P 21 21 21'
#
loop_
_entity.id
_entity.type
_entity.pdbx_description
1 polymer 'Iron(II) transport protein B'
2 non-polymer 'SULFATE ION'
3 non-polymer (4S)-2-METHYL-2,4-PENTANEDIOL
4 non-polymer '4-(2-HYDROXYETHYL)-1-PIPERAZINE ETHANESULFONIC ACID'
5 non-polymer (4R)-2-METHYLPENTANE-2,4-DIOL
6 water water
#
_entity_poly.entity_id   1
_entity_poly.type   'polypeptide(L)'
_entity_poly.pdbx_seq_one_letter_code
;GPLHMVKVALAGCPNVGKTSLFNALTGTKQYVANWPGVTVEKKEGVFTYKGYTINLIDLPGTYSLGYSSIDEKIARDYLL
KGDADLVILVADSVNPEQSLYLLLEILEMEKKVILAMTAIDEAKKTGMKIDRYELQKHLGIPVVFTSSVTGEGLEELKEK
IVEYAQKNTILHRMILDYGEKVESEIKKVENFLRDKKLRINPRYFALKYLSGDPEFYSEGVKLGLPELSEEERIGYRLLI
AKRKREYVENVVKEAFAD
;
_entity_poly.pdbx_strand_id   A,B
#
loop_
_chem_comp.id
_chem_comp.type
_chem_comp.name
_chem_comp.formula
EPE non-polymer '4-(2-HYDROXYETHYL)-1-PIPERAZINE ETHANESULFONIC ACID' 'C8 H18 N2 O4 S'
MPD non-polymer (4S)-2-METHYL-2,4-PENTANEDIOL 'C6 H14 O2'
MRD non-polymer (4R)-2-METHYLPENTANE-2,4-DIOL 'C6 H14 O2'
SO4 non-polymer 'SULFATE ION' 'O4 S -2'
#
# COMPACT_ATOMS: atom_id res chain seq x y z
N HIS A 4 20.15 4.96 -0.45
CA HIS A 4 19.39 5.03 -1.71
C HIS A 4 17.93 5.36 -1.46
N MET A 5 17.13 4.33 -1.18
CA MET A 5 15.70 4.52 -0.98
C MET A 5 15.29 4.35 0.49
N VAL A 6 14.59 5.34 1.01
CA VAL A 6 14.06 5.28 2.37
C VAL A 6 12.55 5.50 2.35
N LYS A 7 11.81 4.55 2.91
CA LYS A 7 10.35 4.65 2.97
C LYS A 7 9.92 5.12 4.34
N VAL A 8 9.20 6.24 4.37
CA VAL A 8 8.86 6.90 5.62
C VAL A 8 7.35 7.14 5.69
N ALA A 9 6.77 6.81 6.83
CA ALA A 9 5.34 7.02 7.03
C ALA A 9 5.11 8.21 7.95
N LEU A 10 4.18 9.08 7.57
CA LEU A 10 3.80 10.21 8.41
CA LEU A 10 3.80 10.21 8.41
C LEU A 10 2.55 9.84 9.20
N ALA A 11 2.70 9.72 10.52
CA ALA A 11 1.58 9.39 11.39
C ALA A 11 1.24 10.58 12.25
N GLY A 12 -0.01 10.68 12.70
CA GLY A 12 -0.40 11.76 13.59
C GLY A 12 -1.91 11.88 13.76
N CYS A 13 -2.32 12.60 14.80
CA CYS A 13 -3.73 12.90 15.00
C CYS A 13 -4.24 13.78 13.85
N PRO A 14 -5.56 13.99 13.78
CA PRO A 14 -6.07 14.97 12.82
C PRO A 14 -5.74 16.40 13.28
N ASN A 15 -5.66 17.32 12.32
CA ASN A 15 -5.47 18.72 12.65
C ASN A 15 -4.27 19.02 13.55
N VAL A 16 -3.13 18.41 13.26
CA VAL A 16 -1.89 18.74 13.96
C VAL A 16 -0.82 19.23 12.99
N GLY A 17 -1.21 19.43 11.73
CA GLY A 17 -0.31 19.97 10.73
C GLY A 17 0.41 18.90 9.93
N LYS A 18 -0.08 17.66 10.01
CA LYS A 18 0.52 16.54 9.29
C LYS A 18 0.52 16.77 7.79
N THR A 19 -0.59 17.28 7.26
CA THR A 19 -0.70 17.54 5.82
C THR A 19 0.20 18.69 5.37
N SER A 20 0.23 19.77 6.15
CA SER A 20 1.12 20.89 5.86
C SER A 20 2.58 20.42 5.80
N LEU A 21 2.99 19.60 6.77
CA LEU A 21 4.36 19.08 6.78
C LEU A 21 4.61 18.22 5.55
N PHE A 22 3.65 17.37 5.21
CA PHE A 22 3.78 16.56 4.01
C PHE A 22 4.06 17.47 2.80
N ASN A 23 3.18 18.44 2.57
CA ASN A 23 3.36 19.39 1.48
C ASN A 23 4.69 20.14 1.51
N ALA A 24 5.15 20.48 2.71
CA ALA A 24 6.37 21.27 2.87
C ALA A 24 7.62 20.48 2.51
N LEU A 25 7.58 19.17 2.76
CA LEU A 25 8.72 18.30 2.51
C LEU A 25 8.82 17.88 1.04
N THR A 26 7.68 17.71 0.38
CA THR A 26 7.65 17.14 -0.96
C THR A 26 7.34 18.15 -2.04
N GLY A 27 6.77 19.29 -1.65
CA GLY A 27 6.39 20.30 -2.62
C GLY A 27 5.39 19.77 -3.62
N THR A 28 5.75 19.83 -4.90
CA THR A 28 4.86 19.39 -5.97
C THR A 28 5.07 17.92 -6.33
N LYS A 29 6.16 17.35 -5.81
CA LYS A 29 6.48 15.95 -6.13
C LYS A 29 5.65 15.00 -5.29
N GLN A 30 4.33 14.96 -5.56
CA GLN A 30 3.40 14.16 -4.77
C GLN A 30 2.16 13.77 -5.58
N TYR A 31 1.49 12.73 -5.12
CA TYR A 31 0.20 12.32 -5.68
C TYR A 31 -0.88 12.32 -4.62
N VAL A 32 -2.05 12.81 -4.98
CA VAL A 32 -3.22 12.73 -4.11
C VAL A 32 -4.05 11.51 -4.52
N ALA A 33 -3.55 10.34 -4.18
CA ALA A 33 -4.20 9.09 -4.58
C ALA A 33 -5.18 8.59 -3.52
N ASN A 34 -5.34 7.26 -3.46
CA ASN A 34 -6.23 6.63 -2.49
C ASN A 34 -5.72 5.26 -2.10
N TRP A 35 -6.21 4.75 -0.98
CA TRP A 35 -5.89 3.39 -0.57
C TRP A 35 -6.75 2.42 -1.37
N PRO A 36 -6.13 1.35 -1.87
CA PRO A 36 -6.74 0.37 -2.78
C PRO A 36 -8.18 0.00 -2.41
N GLY A 37 -9.12 0.31 -3.30
CA GLY A 37 -10.49 -0.14 -3.15
C GLY A 37 -11.39 0.77 -2.33
N VAL A 38 -10.81 1.80 -1.72
CA VAL A 38 -11.59 2.72 -0.90
C VAL A 38 -11.38 4.19 -1.30
N THR A 39 -12.23 5.07 -0.77
CA THR A 39 -12.18 6.48 -1.13
C THR A 39 -11.27 7.29 -0.21
N VAL A 40 -10.78 6.66 0.85
CA VAL A 40 -9.89 7.34 1.78
C VAL A 40 -8.64 7.85 1.08
N GLU A 41 -8.39 9.15 1.22
CA GLU A 41 -7.25 9.77 0.56
C GLU A 41 -5.91 9.17 1.00
N LYS A 42 -5.02 9.00 0.04
CA LYS A 42 -3.67 8.56 0.35
C LYS A 42 -2.67 9.42 -0.41
N LYS A 43 -1.94 10.26 0.32
CA LYS A 43 -0.92 11.11 -0.28
C LYS A 43 0.44 10.44 -0.20
N GLU A 44 1.09 10.31 -1.35
CA GLU A 44 2.44 9.76 -1.42
C GLU A 44 3.30 10.76 -2.15
N GLY A 45 4.54 10.91 -1.71
CA GLY A 45 5.45 11.86 -2.31
C GLY A 45 6.89 11.41 -2.25
N VAL A 46 7.79 12.24 -2.76
CA VAL A 46 9.20 11.93 -2.77
C VAL A 46 10.01 13.20 -2.57
N PHE A 47 11.17 13.08 -1.94
CA PHE A 47 12.12 14.18 -1.89
C PHE A 47 13.54 13.64 -1.78
N THR A 48 14.50 14.42 -2.23
CA THR A 48 15.90 14.02 -2.22
C THR A 48 16.72 14.86 -1.26
N TYR A 49 17.62 14.22 -0.53
CA TYR A 49 18.48 14.93 0.40
C TYR A 49 19.86 14.27 0.45
N LYS A 50 20.88 15.00 0.02
CA LYS A 50 22.24 14.49 0.01
C LYS A 50 22.33 13.16 -0.73
N GLY A 51 21.78 13.11 -1.94
CA GLY A 51 21.83 11.91 -2.76
C GLY A 51 20.95 10.78 -2.24
N TYR A 52 19.99 11.12 -1.40
CA TYR A 52 19.07 10.13 -0.84
C TYR A 52 17.64 10.38 -1.29
N THR A 53 16.95 9.31 -1.66
CA THR A 53 15.54 9.39 -2.03
C THR A 53 14.67 8.93 -0.87
N ILE A 54 13.74 9.79 -0.46
CA ILE A 54 12.80 9.44 0.59
C ILE A 54 11.39 9.41 0.03
N ASN A 55 10.78 8.23 0.04
CA ASN A 55 9.39 8.09 -0.34
C ASN A 55 8.51 8.30 0.89
N LEU A 56 7.71 9.35 0.86
CA LEU A 56 6.91 9.73 2.01
C LEU A 56 5.43 9.38 1.81
N ILE A 57 4.87 8.60 2.74
CA ILE A 57 3.46 8.29 2.70
C ILE A 57 2.77 8.94 3.90
N ASP A 58 1.78 9.78 3.62
CA ASP A 58 0.96 10.37 4.68
C ASP A 58 -0.18 9.42 5.05
N LEU A 59 -0.24 9.07 6.33
CA LEU A 59 -1.30 8.19 6.83
C LEU A 59 -2.49 9.00 7.31
N PRO A 60 -3.69 8.40 7.29
CA PRO A 60 -4.88 9.08 7.80
C PRO A 60 -4.70 9.56 9.24
N GLY A 61 -5.24 10.74 9.55
CA GLY A 61 -5.21 11.26 10.90
C GLY A 61 -5.97 10.34 11.86
N THR A 62 -5.35 10.06 13.00
CA THR A 62 -5.96 9.19 14.01
C THR A 62 -5.61 9.66 15.41
N TYR A 63 -6.63 9.76 16.27
CA TYR A 63 -6.40 10.05 17.68
C TYR A 63 -5.90 8.83 18.42
N SER A 64 -6.09 7.66 17.83
CA SER A 64 -5.64 6.40 18.43
C SER A 64 -5.62 5.30 17.38
N LEU A 65 -4.99 4.19 17.70
CA LEU A 65 -4.86 3.12 16.73
C LEU A 65 -5.63 1.88 17.14
N GLY A 66 -6.96 2.01 17.11
CA GLY A 66 -7.85 0.88 17.34
C GLY A 66 -8.07 0.17 16.02
N TYR A 67 -9.23 -0.46 15.87
CA TYR A 67 -9.51 -1.17 14.63
C TYR A 67 -10.99 -1.26 14.32
N SER A 68 -11.64 -0.10 14.34
CA SER A 68 -13.07 0.01 14.00
C SER A 68 -13.28 1.00 12.85
N SER A 69 -12.72 2.19 12.98
CA SER A 69 -12.89 3.21 11.94
C SER A 69 -11.96 2.96 10.77
N ILE A 70 -12.39 3.33 9.57
CA ILE A 70 -11.58 3.07 8.38
C ILE A 70 -10.20 3.76 8.45
N ASP A 71 -10.17 4.97 8.98
CA ASP A 71 -8.91 5.71 9.12
C ASP A 71 -7.91 4.98 10.01
N GLU A 72 -8.36 4.57 11.20
CA GLU A 72 -7.49 3.89 12.14
C GLU A 72 -7.01 2.55 11.60
N LYS A 73 -7.94 1.80 11.00
CA LYS A 73 -7.59 0.49 10.45
C LYS A 73 -6.54 0.65 9.35
N ILE A 74 -6.73 1.64 8.50
CA ILE A 74 -5.77 1.89 7.43
C ILE A 74 -4.41 2.29 8.01
N ALA A 75 -4.39 3.30 8.87
CA ALA A 75 -3.14 3.78 9.44
C ALA A 75 -2.41 2.65 10.18
N ARG A 76 -3.13 1.91 11.01
CA ARG A 76 -2.50 0.83 11.77
C ARG A 76 -2.06 -0.33 10.90
N ASP A 77 -2.86 -0.65 9.89
CA ASP A 77 -2.48 -1.70 8.95
C ASP A 77 -1.14 -1.38 8.28
N TYR A 78 -0.97 -0.16 7.82
CA TYR A 78 0.30 0.22 7.21
C TYR A 78 1.46 0.17 8.20
N LEU A 79 1.23 0.62 9.42
CA LEU A 79 2.28 0.61 10.45
C LEU A 79 2.69 -0.82 10.80
N LEU A 80 1.69 -1.68 10.98
CA LEU A 80 1.93 -3.06 11.40
C LEU A 80 2.28 -4.00 10.25
N LYS A 81 1.50 -3.92 9.17
CA LYS A 81 1.63 -4.86 8.05
C LYS A 81 2.28 -4.21 6.83
N GLY A 82 2.88 -3.04 7.04
CA GLY A 82 3.36 -2.22 5.94
C GLY A 82 4.84 -2.29 5.60
N ASP A 83 5.29 -1.25 4.89
CA ASP A 83 6.57 -1.24 4.20
C ASP A 83 7.58 -0.25 4.81
N ALA A 84 7.10 0.64 5.66
CA ALA A 84 7.90 1.77 6.14
C ALA A 84 9.21 1.37 6.81
N ASP A 85 10.26 2.14 6.55
CA ASP A 85 11.56 1.94 7.19
C ASP A 85 11.61 2.66 8.52
N LEU A 86 10.89 3.78 8.61
CA LEU A 86 10.69 4.44 9.90
C LEU A 86 9.45 5.32 9.87
N VAL A 87 9.02 5.74 11.05
CA VAL A 87 7.81 6.55 11.19
C VAL A 87 8.14 7.94 11.72
N ILE A 88 7.49 8.95 11.16
CA ILE A 88 7.55 10.28 11.73
C ILE A 88 6.23 10.59 12.42
N LEU A 89 6.28 10.70 13.75
CA LEU A 89 5.12 11.08 14.52
C LEU A 89 5.03 12.60 14.52
N VAL A 90 4.03 13.13 13.82
CA VAL A 90 3.84 14.58 13.74
C VAL A 90 2.99 15.06 14.90
N ALA A 91 3.57 15.94 15.73
CA ALA A 91 2.89 16.42 16.93
C ALA A 91 2.61 17.91 16.85
N ASP A 92 1.46 18.31 17.37
CA ASP A 92 1.14 19.72 17.52
C ASP A 92 1.87 20.28 18.74
N SER A 93 2.82 21.19 18.52
CA SER A 93 3.66 21.67 19.61
C SER A 93 2.91 22.55 20.62
N VAL A 94 1.79 23.12 20.20
CA VAL A 94 1.00 23.96 21.10
C VAL A 94 0.09 23.12 22.00
N ASN A 95 -0.51 22.08 21.42
CA ASN A 95 -1.33 21.14 22.18
C ASN A 95 -0.87 19.71 21.91
N PRO A 96 0.19 19.28 22.61
CA PRO A 96 0.88 18.01 22.32
C PRO A 96 0.27 16.76 22.97
N GLU A 97 -0.56 16.93 23.99
CA GLU A 97 -1.07 15.78 24.75
C GLU A 97 -1.55 14.63 23.87
N GLN A 98 -2.49 14.92 22.97
CA GLN A 98 -3.08 13.87 22.16
C GLN A 98 -2.08 13.23 21.19
N SER A 99 -1.12 14.04 20.72
CA SER A 99 -0.08 13.53 19.82
C SER A 99 0.87 12.59 20.57
N LEU A 100 1.28 12.97 21.77
CA LEU A 100 2.17 12.15 22.57
C LEU A 100 1.52 10.83 22.97
N TYR A 101 0.22 10.86 23.23
CA TYR A 101 -0.52 9.63 23.53
C TYR A 101 -0.40 8.67 22.34
N LEU A 102 -0.60 9.21 21.14
CA LEU A 102 -0.46 8.41 19.93
C LEU A 102 0.96 7.89 19.78
N LEU A 103 1.93 8.74 20.09
CA LEU A 103 3.34 8.36 20.01
C LEU A 103 3.65 7.11 20.82
N LEU A 104 3.11 7.04 22.04
CA LEU A 104 3.39 5.90 22.91
C LEU A 104 2.93 4.59 22.29
N GLU A 105 1.76 4.62 21.65
CA GLU A 105 1.22 3.43 21.02
C GLU A 105 2.18 2.90 19.96
N ILE A 106 2.77 3.83 19.20
CA ILE A 106 3.69 3.45 18.12
C ILE A 106 5.05 3.00 18.66
N LEU A 107 5.50 3.60 19.76
CA LEU A 107 6.74 3.18 20.39
C LEU A 107 6.60 1.74 20.87
N GLU A 108 5.41 1.39 21.33
CA GLU A 108 5.15 0.03 21.78
C GLU A 108 5.12 -0.99 20.64
N MET A 109 5.02 -0.49 19.41
CA MET A 109 5.11 -1.34 18.23
C MET A 109 6.56 -1.66 17.91
N GLU A 110 7.46 -0.94 18.58
CA GLU A 110 8.89 -1.09 18.32
C GLU A 110 9.24 -0.77 16.87
N LYS A 111 8.65 0.29 16.34
CA LYS A 111 9.06 0.82 15.05
C LYS A 111 10.07 1.94 15.29
N LYS A 112 10.91 2.23 14.29
CA LYS A 112 11.79 3.38 14.34
C LYS A 112 10.97 4.66 14.24
N VAL A 113 11.04 5.51 15.24
CA VAL A 113 10.24 6.72 15.25
C VAL A 113 11.06 7.99 15.44
N ILE A 114 10.68 9.03 14.72
CA ILE A 114 11.19 10.37 14.95
C ILE A 114 9.99 11.24 15.32
N LEU A 115 10.12 12.02 16.38
CA LEU A 115 9.07 12.97 16.75
C LEU A 115 9.32 14.35 16.13
N ALA A 116 8.44 14.75 15.22
CA ALA A 116 8.51 16.09 14.66
C ALA A 116 7.47 16.98 15.31
N MET A 117 7.93 17.88 16.17
CA MET A 117 7.07 18.88 16.79
C MET A 117 6.89 20.01 15.78
N THR A 118 5.71 20.11 15.17
CA THR A 118 5.43 21.09 14.13
CA THR A 118 5.50 21.12 14.15
C THR A 118 4.72 22.33 14.67
N ALA A 119 4.52 23.31 13.81
CA ALA A 119 3.89 24.57 14.18
C ALA A 119 4.66 25.22 15.33
N ILE A 120 5.97 25.07 15.29
CA ILE A 120 6.84 25.59 16.34
C ILE A 120 6.87 27.13 16.34
N ASP A 121 6.52 27.74 15.22
CA ASP A 121 6.46 29.21 15.16
C ASP A 121 5.28 29.72 15.98
N GLU A 122 4.22 28.91 16.04
CA GLU A 122 3.05 29.26 16.84
C GLU A 122 3.36 29.11 18.33
N ALA A 123 4.14 28.08 18.64
CA ALA A 123 4.61 27.88 20.01
C ALA A 123 5.52 29.01 20.45
N LYS A 124 6.40 29.45 19.56
CA LYS A 124 7.31 30.55 19.87
C LYS A 124 6.50 31.81 20.16
N LYS A 125 5.49 32.05 19.34
CA LYS A 125 4.69 33.27 19.43
C LYS A 125 3.84 33.32 20.69
N THR A 126 3.35 32.16 21.15
CA THR A 126 2.51 32.11 22.34
C THR A 126 3.35 32.16 23.61
N GLY A 127 4.67 32.29 23.45
CA GLY A 127 5.57 32.42 24.58
C GLY A 127 5.91 31.11 25.26
N MET A 128 5.68 30.01 24.55
CA MET A 128 5.97 28.70 25.09
C MET A 128 7.47 28.44 25.21
N LYS A 129 7.82 27.53 26.11
CA LYS A 129 9.20 27.09 26.23
C LYS A 129 9.22 25.57 26.18
N ILE A 130 9.68 25.02 25.06
CA ILE A 130 9.74 23.57 24.88
C ILE A 130 11.19 23.10 24.77
N ASP A 131 11.57 22.20 25.66
CA ASP A 131 12.95 21.71 25.70
C ASP A 131 13.08 20.42 24.88
N ARG A 132 13.56 20.58 23.66
CA ARG A 132 13.74 19.47 22.72
C ARG A 132 14.66 18.38 23.26
N TYR A 133 15.63 18.77 24.09
CA TYR A 133 16.58 17.81 24.65
C TYR A 133 15.99 17.04 25.83
N GLU A 134 15.12 17.70 26.58
CA GLU A 134 14.33 17.06 27.62
C GLU A 134 13.43 16.00 27.01
N LEU A 135 12.73 16.35 25.94
CA LEU A 135 11.87 15.40 25.25
C LEU A 135 12.63 14.15 24.81
N GLN A 136 13.76 14.35 24.15
CA GLN A 136 14.59 13.23 23.70
C GLN A 136 14.96 12.32 24.86
N LYS A 137 15.31 12.92 25.99
CA LYS A 137 15.71 12.13 27.17
C LYS A 137 14.55 11.27 27.68
N HIS A 138 13.36 11.85 27.74
CA HIS A 138 12.17 11.15 28.21
C HIS A 138 11.73 10.06 27.22
N LEU A 139 11.62 10.44 25.96
CA LEU A 139 11.02 9.57 24.94
C LEU A 139 12.01 8.59 24.30
N GLY A 140 13.29 8.93 24.36
CA GLY A 140 14.33 8.04 23.86
C GLY A 140 14.44 8.00 22.35
N ILE A 141 13.84 8.99 21.68
CA ILE A 141 13.89 9.05 20.23
C ILE A 141 14.32 10.44 19.80
N PRO A 142 14.78 10.57 18.55
CA PRO A 142 15.13 11.92 18.06
C PRO A 142 13.90 12.82 18.03
N VAL A 143 14.07 14.08 18.39
CA VAL A 143 12.99 15.05 18.37
C VAL A 143 13.42 16.27 17.58
N VAL A 144 12.59 16.70 16.64
CA VAL A 144 12.92 17.84 15.79
C VAL A 144 11.80 18.88 15.82
N PHE A 145 12.17 20.15 15.94
CA PHE A 145 11.20 21.24 15.83
C PHE A 145 11.07 21.65 14.38
N THR A 146 9.84 21.76 13.89
CA THR A 146 9.62 22.11 12.50
C THR A 146 8.50 23.15 12.38
N SER A 147 8.49 23.82 11.24
CA SER A 147 7.40 24.74 10.89
C SER A 147 7.16 24.69 9.38
N SER A 148 5.95 24.34 8.99
CA SER A 148 5.59 24.32 7.59
C SER A 148 5.42 25.74 7.06
N VAL A 149 5.20 26.68 7.97
CA VAL A 149 5.00 28.08 7.60
C VAL A 149 6.31 28.80 7.32
N THR A 150 7.29 28.61 8.19
CA THR A 150 8.56 29.34 8.07
C THR A 150 9.64 28.49 7.42
N GLY A 151 9.42 27.18 7.38
CA GLY A 151 10.39 26.26 6.79
C GLY A 151 11.46 25.81 7.76
N GLU A 152 11.37 26.26 9.00
CA GLU A 152 12.36 25.88 10.02
C GLU A 152 12.32 24.36 10.30
N GLY A 153 13.50 23.79 10.53
CA GLY A 153 13.60 22.40 10.93
C GLY A 153 13.39 21.40 9.82
N LEU A 154 12.96 21.86 8.65
CA LEU A 154 12.65 20.99 7.53
C LEU A 154 13.87 20.17 7.08
N GLU A 155 14.95 20.87 6.77
CA GLU A 155 16.18 20.21 6.33
C GLU A 155 16.80 19.40 7.46
N GLU A 156 16.62 19.87 8.70
CA GLU A 156 17.11 19.11 9.86
C GLU A 156 16.36 17.78 9.99
N LEU A 157 15.06 17.81 9.71
CA LEU A 157 14.25 16.60 9.76
C LEU A 157 14.70 15.61 8.69
N LYS A 158 14.94 16.13 7.48
CA LYS A 158 15.45 15.29 6.39
C LYS A 158 16.79 14.69 6.79
N GLU A 159 17.60 15.49 7.49
CA GLU A 159 18.89 15.04 7.99
C GLU A 159 18.70 13.85 8.93
N LYS A 160 17.79 14.00 9.87
CA LYS A 160 17.53 12.95 10.85
C LYS A 160 16.96 11.70 10.20
N ILE A 161 16.15 11.88 9.16
CA ILE A 161 15.57 10.76 8.45
C ILE A 161 16.65 9.85 7.86
N VAL A 162 17.54 10.43 7.04
CA VAL A 162 18.59 9.64 6.42
C VAL A 162 19.59 9.10 7.43
N GLU A 163 19.95 9.92 8.41
CA GLU A 163 20.89 9.52 9.45
C GLU A 163 20.32 8.37 10.27
N TYR A 164 19.12 8.56 10.79
CA TYR A 164 18.49 7.62 11.69
C TYR A 164 18.08 6.34 10.96
N ALA A 165 17.72 6.46 9.69
CA ALA A 165 17.27 5.31 8.90
C ALA A 165 18.41 4.32 8.66
N GLN A 166 19.63 4.83 8.59
CA GLN A 166 20.79 3.98 8.35
C GLN A 166 21.59 3.77 9.63
N LYS A 167 20.96 4.07 10.75
CA LYS A 167 21.61 3.92 12.05
C LYS A 167 21.13 2.66 12.75
N ASN A 168 22.06 1.98 13.43
CA ASN A 168 21.72 0.77 14.19
C ASN A 168 20.61 1.04 15.19
N THR A 169 19.47 0.38 14.98
CA THR A 169 18.29 0.59 15.84
C THR A 169 18.65 0.60 17.32
N HIS A 172 14.63 1.73 23.48
CA HIS A 172 13.21 1.61 23.21
C HIS A 172 12.73 0.16 23.30
N ARG A 173 12.81 -0.41 24.49
CA ARG A 173 12.36 -1.77 24.74
C ARG A 173 11.59 -1.84 26.06
N MET A 174 12.03 -1.04 27.02
CA MET A 174 11.24 -0.77 28.20
C MET A 174 10.60 0.60 27.98
N ILE A 175 9.28 0.67 28.10
CA ILE A 175 8.59 1.94 27.90
C ILE A 175 7.70 2.29 29.08
N LEU A 176 6.70 1.45 29.33
CA LEU A 176 5.66 1.81 30.29
C LEU A 176 5.38 0.69 31.30
N ASP A 177 5.20 1.07 32.56
CA ASP A 177 4.85 0.14 33.60
C ASP A 177 3.36 0.25 33.93
N TYR A 178 2.61 -0.82 33.67
CA TYR A 178 1.16 -0.78 33.84
C TYR A 178 0.67 -1.32 35.17
N GLY A 179 1.58 -1.49 36.13
CA GLY A 179 1.21 -2.00 37.43
C GLY A 179 1.31 -3.51 37.46
N GLU A 180 1.45 -4.06 38.67
CA GLU A 180 1.71 -5.50 38.81
C GLU A 180 0.62 -6.37 38.18
N LYS A 181 -0.64 -6.01 38.39
CA LYS A 181 -1.74 -6.82 37.85
C LYS A 181 -1.66 -6.96 36.33
N VAL A 182 -1.64 -5.84 35.63
CA VAL A 182 -1.61 -5.86 34.17
C VAL A 182 -0.30 -6.44 33.63
N GLU A 183 0.80 -6.13 34.30
CA GLU A 183 2.10 -6.63 33.86
C GLU A 183 2.19 -8.14 33.98
N SER A 184 1.59 -8.69 35.02
CA SER A 184 1.59 -10.15 35.18
C SER A 184 0.76 -10.81 34.08
N GLU A 185 -0.42 -10.25 33.80
CA GLU A 185 -1.24 -10.77 32.71
C GLU A 185 -0.51 -10.71 31.37
N ILE A 186 0.15 -9.59 31.11
CA ILE A 186 0.95 -9.44 29.90
C ILE A 186 1.98 -10.55 29.79
N LYS A 187 2.70 -10.81 30.87
CA LYS A 187 3.71 -11.87 30.87
C LYS A 187 3.10 -13.24 30.57
N LYS A 188 1.96 -13.54 31.18
CA LYS A 188 1.27 -14.80 30.92
C LYS A 188 0.91 -14.96 29.45
N VAL A 189 0.41 -13.88 28.85
CA VAL A 189 0.10 -13.88 27.42
C VAL A 189 1.38 -14.07 26.59
N GLU A 190 2.41 -13.32 26.95
CA GLU A 190 3.70 -13.40 26.25
C GLU A 190 4.25 -14.83 26.24
N ASN A 191 4.25 -15.48 27.40
CA ASN A 191 4.69 -16.87 27.48
C ASN A 191 3.93 -17.74 26.49
N PHE A 192 2.60 -17.62 26.50
CA PHE A 192 1.75 -18.41 25.63
C PHE A 192 2.15 -18.24 24.16
N LEU A 193 2.49 -17.02 23.78
CA LEU A 193 2.78 -16.69 22.38
C LEU A 193 4.23 -16.98 21.99
N ARG A 194 5.05 -17.32 22.97
CA ARG A 194 6.49 -17.55 22.73
C ARG A 194 6.74 -18.51 21.57
N ASP A 195 5.93 -19.57 21.48
CA ASP A 195 6.12 -20.59 20.45
C ASP A 195 5.40 -20.26 19.15
N LYS A 196 4.68 -19.13 19.13
CA LYS A 196 3.98 -18.72 17.93
C LYS A 196 4.86 -17.81 17.08
N LYS A 197 4.55 -17.71 15.79
CA LYS A 197 5.31 -16.89 14.88
C LYS A 197 4.58 -15.59 14.57
N LEU A 198 4.67 -14.65 15.50
CA LEU A 198 4.01 -13.36 15.35
C LEU A 198 4.80 -12.43 14.44
N ARG A 199 4.10 -11.48 13.83
CA ARG A 199 4.73 -10.47 12.99
C ARG A 199 4.78 -9.13 13.72
N ILE A 200 4.58 -9.19 15.04
CA ILE A 200 4.73 -8.02 15.90
C ILE A 200 5.13 -8.52 17.29
N ASN A 201 5.85 -7.70 18.06
CA ASN A 201 6.31 -8.13 19.38
C ASN A 201 5.14 -8.53 20.27
N PRO A 202 5.34 -9.56 21.10
CA PRO A 202 4.28 -10.15 21.93
C PRO A 202 3.68 -9.18 22.95
N ARG A 203 4.47 -8.22 23.42
CA ARG A 203 3.98 -7.28 24.42
C ARG A 203 2.87 -6.42 23.84
N TYR A 204 3.11 -5.87 22.65
CA TYR A 204 2.09 -5.10 21.97
C TYR A 204 0.84 -5.96 21.72
N PHE A 205 1.06 -7.18 21.23
CA PHE A 205 -0.04 -8.10 21.00
C PHE A 205 -0.84 -8.30 22.28
N ALA A 206 -0.13 -8.48 23.37
CA ALA A 206 -0.76 -8.74 24.67
C ALA A 206 -1.61 -7.55 25.12
N LEU A 207 -1.04 -6.35 25.03
CA LEU A 207 -1.76 -5.13 25.40
C LEU A 207 -3.05 -4.98 24.61
N LYS A 208 -2.99 -5.22 23.30
CA LYS A 208 -4.17 -5.06 22.44
C LYS A 208 -5.18 -6.19 22.64
N TYR A 209 -4.68 -7.40 22.91
CA TYR A 209 -5.59 -8.53 23.17
C TYR A 209 -6.36 -8.29 24.47
N LEU A 210 -5.64 -8.06 25.57
CA LEU A 210 -6.27 -7.78 26.85
C LEU A 210 -7.26 -6.63 26.72
N SER A 211 -6.87 -5.64 25.92
CA SER A 211 -7.67 -4.42 25.76
C SER A 211 -8.93 -4.64 24.93
N GLY A 212 -9.04 -5.81 24.29
CA GLY A 212 -10.23 -6.14 23.53
C GLY A 212 -10.26 -5.57 22.13
N ASP A 213 -9.10 -5.19 21.60
CA ASP A 213 -9.00 -4.69 20.25
C ASP A 213 -9.67 -5.68 19.30
N PRO A 214 -10.50 -5.17 18.37
CA PRO A 214 -11.24 -6.05 17.44
C PRO A 214 -10.33 -7.06 16.75
N GLU A 215 -9.19 -6.62 16.24
CA GLU A 215 -8.29 -7.52 15.51
C GLU A 215 -7.43 -8.40 16.44
N PHE A 216 -6.87 -7.82 17.48
CA PHE A 216 -5.95 -8.56 18.34
C PHE A 216 -6.67 -9.48 19.32
N TYR A 217 -7.79 -9.04 19.85
CA TYR A 217 -8.56 -9.91 20.73
C TYR A 217 -9.04 -11.16 19.98
N SER A 218 -9.71 -10.97 18.83
CA SER A 218 -10.22 -12.10 18.05
CA SER A 218 -10.23 -12.10 18.07
C SER A 218 -9.09 -13.03 17.65
N GLU A 219 -7.99 -12.45 17.19
CA GLU A 219 -6.86 -13.25 16.75
C GLU A 219 -6.22 -14.02 17.91
N GLY A 220 -6.07 -13.35 19.04
CA GLY A 220 -5.50 -13.97 20.22
C GLY A 220 -6.31 -15.17 20.65
N VAL A 221 -7.63 -15.08 20.53
CA VAL A 221 -8.49 -16.17 20.91
C VAL A 221 -8.38 -17.34 19.92
N LYS A 222 -8.20 -17.02 18.65
CA LYS A 222 -8.01 -18.04 17.62
C LYS A 222 -6.70 -18.79 17.82
N LEU A 223 -5.72 -18.14 18.43
CA LEU A 223 -4.42 -18.77 18.68
C LEU A 223 -4.49 -19.66 19.91
N GLY A 224 -5.57 -19.55 20.67
CA GLY A 224 -5.78 -20.39 21.82
C GLY A 224 -5.74 -19.68 23.16
N LEU A 225 -5.74 -18.36 23.14
CA LEU A 225 -5.79 -17.58 24.39
C LEU A 225 -7.20 -17.57 24.91
N PRO A 226 -7.37 -17.39 26.23
CA PRO A 226 -8.71 -17.40 26.84
C PRO A 226 -9.58 -16.26 26.30
N GLU A 227 -10.89 -16.46 26.32
CA GLU A 227 -11.82 -15.38 26.04
C GLU A 227 -11.88 -14.47 27.27
N LEU A 228 -12.21 -13.20 27.04
CA LEU A 228 -12.31 -12.25 28.13
C LEU A 228 -13.71 -11.67 28.19
N SER A 229 -14.23 -11.46 29.39
CA SER A 229 -15.52 -10.83 29.54
C SER A 229 -15.48 -9.44 28.94
N GLU A 230 -16.64 -8.81 28.80
CA GLU A 230 -16.69 -7.45 28.30
C GLU A 230 -16.13 -6.47 29.33
N GLU A 231 -16.36 -6.75 30.62
CA GLU A 231 -15.85 -5.91 31.69
C GLU A 231 -14.33 -5.97 31.80
N GLU A 232 -13.77 -7.16 31.57
CA GLU A 232 -12.31 -7.34 31.61
C GLU A 232 -11.64 -6.54 30.50
N ARG A 233 -12.14 -6.67 29.28
CA ARG A 233 -11.56 -5.97 28.15
C ARG A 233 -11.65 -4.45 28.35
N ILE A 234 -12.77 -3.99 28.86
CA ILE A 234 -12.94 -2.57 29.14
C ILE A 234 -11.99 -2.15 30.26
N GLY A 235 -11.96 -2.94 31.33
CA GLY A 235 -11.09 -2.68 32.46
C GLY A 235 -9.63 -2.56 32.04
N TYR A 236 -9.15 -3.52 31.26
CA TYR A 236 -7.77 -3.51 30.79
C TYR A 236 -7.48 -2.30 29.91
N ARG A 237 -8.44 -1.92 29.07
CA ARG A 237 -8.23 -0.81 28.14
C ARG A 237 -8.19 0.54 28.85
N LEU A 238 -9.01 0.70 29.87
CA LEU A 238 -9.07 1.95 30.60
C LEU A 238 -7.79 2.15 31.41
N LEU A 239 -7.35 1.09 32.08
CA LEU A 239 -6.13 1.12 32.87
C LEU A 239 -4.93 1.45 31.98
N ILE A 240 -4.85 0.79 30.84
CA ILE A 240 -3.74 1.02 29.92
C ILE A 240 -3.77 2.45 29.40
N ALA A 241 -4.96 2.94 29.07
CA ALA A 241 -5.14 4.31 28.61
C ALA A 241 -4.75 5.33 29.68
N LYS A 242 -5.20 5.08 30.92
CA LYS A 242 -4.94 5.98 32.02
C LYS A 242 -3.44 6.10 32.29
N ARG A 243 -2.74 4.97 32.26
CA ARG A 243 -1.29 4.97 32.47
C ARG A 243 -0.59 5.79 31.39
N LYS A 244 -0.98 5.58 30.14
CA LYS A 244 -0.42 6.35 29.04
C LYS A 244 -0.63 7.85 29.26
N ARG A 245 -1.82 8.20 29.75
CA ARG A 245 -2.19 9.59 29.93
C ARG A 245 -1.29 10.28 30.95
N GLU A 246 -1.15 9.66 32.13
CA GLU A 246 -0.36 10.26 33.19
C GLU A 246 1.13 10.30 32.84
N TYR A 247 1.57 9.37 32.00
CA TYR A 247 2.93 9.45 31.47
C TYR A 247 3.06 10.69 30.59
N VAL A 248 2.06 10.92 29.74
CA VAL A 248 2.08 12.06 28.84
C VAL A 248 2.09 13.37 29.63
N GLU A 249 1.22 13.48 30.61
CA GLU A 249 1.16 14.67 31.46
C GLU A 249 2.49 14.95 32.14
N ASN A 250 3.21 13.89 32.50
CA ASN A 250 4.51 14.06 33.13
C ASN A 250 5.56 14.59 32.17
N VAL A 251 5.59 14.03 30.96
CA VAL A 251 6.53 14.48 29.95
C VAL A 251 6.32 15.96 29.68
N VAL A 252 5.05 16.36 29.62
CA VAL A 252 4.70 17.74 29.34
C VAL A 252 5.10 18.66 30.49
N LYS A 253 4.96 18.17 31.71
CA LYS A 253 5.31 18.95 32.89
C LYS A 253 6.80 19.29 32.87
N GLU A 254 7.62 18.34 32.42
CA GLU A 254 9.07 18.49 32.43
C GLU A 254 9.60 19.29 31.22
N ALA A 255 9.07 19.00 30.04
CA ALA A 255 9.64 19.58 28.81
C ALA A 255 8.97 20.88 28.39
N PHE A 256 7.81 21.19 28.97
CA PHE A 256 7.08 22.40 28.64
C PHE A 256 6.99 23.33 29.86
N ALA A 257 7.62 24.50 29.77
CA ALA A 257 7.63 25.44 30.88
C ALA A 257 6.72 26.65 30.62
N MET B 5 15.69 -7.09 -4.28
CA MET B 5 14.27 -7.22 -4.02
C MET B 5 13.43 -6.80 -5.23
N VAL B 6 12.55 -7.68 -5.68
CA VAL B 6 11.66 -7.38 -6.81
C VAL B 6 10.22 -7.68 -6.46
N LYS B 7 9.34 -6.70 -6.67
CA LYS B 7 7.92 -6.86 -6.37
C LYS B 7 7.15 -7.29 -7.61
N VAL B 8 6.52 -8.46 -7.54
CA VAL B 8 5.76 -9.00 -8.66
C VAL B 8 4.28 -9.12 -8.34
N ALA B 9 3.45 -8.68 -9.27
CA ALA B 9 1.99 -8.76 -9.09
C ALA B 9 1.40 -9.89 -9.92
N LEU B 10 0.61 -10.74 -9.27
CA LEU B 10 -0.11 -11.81 -9.96
C LEU B 10 -1.50 -11.35 -10.37
N ALA B 11 -1.72 -11.21 -11.67
CA ALA B 11 -3.01 -10.80 -12.19
C ALA B 11 -3.64 -11.95 -12.98
N GLY B 12 -4.96 -11.96 -13.05
CA GLY B 12 -5.68 -12.97 -13.80
C GLY B 12 -7.11 -13.12 -13.34
N CYS B 13 -7.94 -13.69 -14.20
CA CYS B 13 -9.33 -13.96 -13.86
C CYS B 13 -9.39 -14.96 -12.70
N PRO B 14 -10.54 -15.05 -12.03
CA PRO B 14 -10.69 -16.06 -10.97
C PRO B 14 -10.75 -17.44 -11.59
N ASN B 15 -10.42 -18.47 -10.82
CA ASN B 15 -10.54 -19.85 -11.28
C ASN B 15 -9.73 -20.15 -12.54
N VAL B 16 -8.50 -19.65 -12.59
CA VAL B 16 -7.60 -19.92 -13.71
C VAL B 16 -6.29 -20.55 -13.23
N GLY B 17 -6.24 -20.89 -11.94
CA GLY B 17 -5.06 -21.52 -11.38
C GLY B 17 -4.04 -20.50 -10.90
N LYS B 18 -4.48 -19.26 -10.74
CA LYS B 18 -3.61 -18.17 -10.28
C LYS B 18 -3.09 -18.42 -8.87
N THR B 19 -4.00 -18.79 -7.97
CA THR B 19 -3.63 -19.04 -6.58
C THR B 19 -2.87 -20.36 -6.43
N SER B 20 -3.36 -21.41 -7.08
CA SER B 20 -2.66 -22.70 -7.08
C SER B 20 -1.23 -22.49 -7.55
N LEU B 21 -1.08 -21.67 -8.60
CA LEU B 21 0.24 -21.30 -9.09
C LEU B 21 1.02 -20.58 -7.99
N PHE B 22 0.43 -19.52 -7.45
CA PHE B 22 1.04 -18.75 -6.38
C PHE B 22 1.64 -19.66 -5.31
N ASN B 23 0.81 -20.56 -4.79
CA ASN B 23 1.24 -21.50 -3.77
C ASN B 23 2.47 -22.28 -4.19
N ALA B 24 2.56 -22.59 -5.48
CA ALA B 24 3.64 -23.39 -6.01
C ALA B 24 4.99 -22.68 -5.94
N LEU B 25 5.00 -21.39 -6.29
CA LEU B 25 6.26 -20.65 -6.33
C LEU B 25 6.75 -20.19 -4.97
N THR B 26 5.84 -20.06 -4.00
CA THR B 26 6.20 -19.59 -2.68
C THR B 26 6.21 -20.70 -1.64
N GLY B 27 5.64 -21.85 -2.01
CA GLY B 27 5.57 -22.99 -1.11
C GLY B 27 4.92 -22.64 0.21
N THR B 28 5.75 -22.52 1.25
CA THR B 28 5.26 -22.21 2.58
C THR B 28 5.64 -20.80 3.02
N LYS B 29 6.59 -20.19 2.30
CA LYS B 29 7.04 -18.84 2.62
C LYS B 29 6.01 -17.81 2.16
N GLN B 30 4.98 -17.60 2.98
CA GLN B 30 3.90 -16.70 2.63
C GLN B 30 3.07 -16.39 3.85
N TYR B 31 2.37 -15.26 3.84
CA TYR B 31 1.42 -14.94 4.89
C TYR B 31 0.18 -14.26 4.33
N VAL B 32 -0.95 -14.50 4.97
CA VAL B 32 -2.21 -13.97 4.47
C VAL B 32 -2.76 -12.89 5.40
N ALA B 33 -2.88 -11.68 4.88
CA ALA B 33 -3.44 -10.57 5.64
C ALA B 33 -4.61 -9.97 4.88
N ASN B 34 -4.68 -8.64 4.89
CA ASN B 34 -5.79 -7.94 4.27
C ASN B 34 -5.31 -6.62 3.67
N TRP B 35 -5.99 -6.15 2.63
CA TRP B 35 -5.69 -4.84 2.09
C TRP B 35 -6.05 -3.81 3.15
N PRO B 36 -5.27 -2.72 3.24
CA PRO B 36 -5.42 -1.71 4.28
C PRO B 36 -6.88 -1.29 4.50
N GLY B 37 -7.36 -1.45 5.73
CA GLY B 37 -8.68 -0.98 6.12
C GLY B 37 -9.87 -1.84 5.69
N VAL B 38 -9.60 -2.89 4.91
CA VAL B 38 -10.69 -3.75 4.42
C VAL B 38 -10.45 -5.24 4.72
N THR B 39 -11.50 -6.03 4.66
CA THR B 39 -11.42 -7.46 4.99
C THR B 39 -11.03 -8.30 3.78
N VAL B 40 -10.89 -7.67 2.62
CA VAL B 40 -10.49 -8.40 1.43
C VAL B 40 -9.10 -9.00 1.63
N GLU B 41 -8.97 -10.29 1.37
CA GLU B 41 -7.73 -11.02 1.58
C GLU B 41 -6.58 -10.48 0.75
N LYS B 42 -5.38 -10.51 1.32
CA LYS B 42 -4.17 -10.15 0.61
C LYS B 42 -3.05 -11.15 0.90
N LYS B 43 -2.74 -12.00 -0.06
CA LYS B 43 -1.67 -12.98 0.08
C LYS B 43 -0.38 -12.45 -0.54
N GLU B 44 0.74 -12.73 0.12
CA GLU B 44 2.05 -12.31 -0.39
C GLU B 44 3.18 -13.17 0.16
N VAL B 46 6.91 -15.51 -0.65
CA VAL B 46 8.24 -15.11 -1.08
C VAL B 46 9.12 -16.29 -1.49
N PHE B 47 9.85 -16.13 -2.58
CA PHE B 47 10.83 -17.13 -2.99
C PHE B 47 12.13 -16.45 -3.38
N THR B 48 13.22 -17.22 -3.36
CA THR B 48 14.52 -16.71 -3.76
C THR B 48 14.98 -17.37 -5.05
N TYR B 49 15.80 -16.68 -5.83
CA TYR B 49 16.26 -17.18 -7.11
C TYR B 49 17.41 -16.36 -7.68
N LYS B 50 18.54 -17.01 -7.92
CA LYS B 50 19.74 -16.36 -8.42
C LYS B 50 20.20 -15.22 -7.51
N GLY B 51 19.90 -15.32 -6.22
CA GLY B 51 20.26 -14.29 -5.27
C GLY B 51 19.19 -13.23 -5.15
N TYR B 52 18.44 -13.02 -6.23
CA TYR B 52 17.34 -12.06 -6.24
C TYR B 52 16.19 -12.56 -5.38
N THR B 53 15.59 -11.66 -4.61
CA THR B 53 14.43 -11.99 -3.81
C THR B 53 13.17 -11.38 -4.40
N ILE B 54 12.24 -12.23 -4.83
CA ILE B 54 11.00 -11.75 -5.42
C ILE B 54 9.82 -11.90 -4.46
N ASN B 55 9.17 -10.77 -4.15
CA ASN B 55 7.97 -10.79 -3.34
C ASN B 55 6.73 -10.82 -4.23
N LEU B 56 6.02 -11.94 -4.19
CA LEU B 56 4.85 -12.12 -5.04
C LEU B 56 3.57 -11.72 -4.31
N ILE B 57 2.84 -10.77 -4.90
CA ILE B 57 1.54 -10.38 -4.37
C ILE B 57 0.43 -10.95 -5.25
N ASP B 58 -0.50 -11.68 -4.64
CA ASP B 58 -1.59 -12.30 -5.39
C ASP B 58 -2.82 -11.40 -5.38
N LEU B 59 -3.13 -10.83 -6.55
CA LEU B 59 -4.24 -9.90 -6.70
C LEU B 59 -5.59 -10.63 -6.74
N PRO B 60 -6.67 -9.92 -6.38
CA PRO B 60 -8.00 -10.53 -6.44
C PRO B 60 -8.33 -10.98 -7.85
N GLY B 61 -9.10 -12.06 -7.98
CA GLY B 61 -9.51 -12.55 -9.29
C GLY B 61 -10.43 -11.56 -9.97
N THR B 62 -10.15 -11.27 -11.23
CA THR B 62 -10.92 -10.27 -11.97
C THR B 62 -11.17 -10.68 -13.42
N TYR B 63 -12.42 -10.63 -13.84
CA TYR B 63 -12.77 -10.87 -15.24
C TYR B 63 -12.57 -9.60 -16.04
N SER B 64 -12.61 -8.47 -15.35
CA SER B 64 -12.50 -7.17 -15.98
C SER B 64 -12.07 -6.11 -14.97
N LEU B 65 -11.46 -5.04 -15.46
CA LEU B 65 -10.95 -3.98 -14.59
C LEU B 65 -11.83 -2.74 -14.58
N GLY B 66 -13.06 -2.87 -14.07
CA GLY B 66 -13.91 -1.72 -13.83
C GLY B 66 -13.56 -1.05 -12.52
N TYR B 67 -14.52 -0.33 -11.95
CA TYR B 67 -14.27 0.35 -10.68
C TYR B 67 -15.53 0.46 -9.83
N SER B 68 -16.22 -0.66 -9.64
CA SER B 68 -17.43 -0.68 -8.82
C SER B 68 -17.37 -1.80 -7.78
N SER B 69 -16.84 -2.95 -8.18
CA SER B 69 -16.67 -4.06 -7.25
C SER B 69 -15.30 -3.97 -6.59
N ILE B 70 -15.25 -4.21 -5.28
CA ILE B 70 -14.03 -3.99 -4.52
C ILE B 70 -12.86 -4.84 -5.02
N ASP B 71 -13.15 -6.04 -5.49
CA ASP B 71 -12.12 -6.90 -6.06
C ASP B 71 -11.46 -6.25 -7.26
N GLU B 72 -12.28 -5.68 -8.15
CA GLU B 72 -11.75 -5.00 -9.34
C GLU B 72 -11.07 -3.68 -8.97
N LYS B 73 -11.68 -2.93 -8.06
CA LYS B 73 -11.09 -1.69 -7.60
C LYS B 73 -9.72 -1.92 -6.96
N ILE B 74 -9.64 -2.90 -6.07
CA ILE B 74 -8.38 -3.23 -5.39
C ILE B 74 -7.32 -3.67 -6.38
N ALA B 75 -7.65 -4.65 -7.22
CA ALA B 75 -6.71 -5.16 -8.21
C ALA B 75 -6.20 -4.03 -9.11
N ARG B 76 -7.10 -3.20 -9.61
CA ARG B 76 -6.72 -2.14 -10.53
C ARG B 76 -5.96 -1.02 -9.82
N ASP B 77 -6.39 -0.68 -8.61
CA ASP B 77 -5.71 0.34 -7.81
C ASP B 77 -4.24 -0.03 -7.61
N TYR B 78 -3.97 -1.32 -7.43
CA TYR B 78 -2.59 -1.76 -7.25
C TYR B 78 -1.81 -1.63 -8.56
N LEU B 79 -2.40 -2.09 -9.65
CA LEU B 79 -1.75 -2.04 -10.95
C LEU B 79 -1.40 -0.61 -11.35
N LEU B 80 -2.30 0.32 -11.05
CA LEU B 80 -2.13 1.70 -11.50
C LEU B 80 -1.45 2.61 -10.47
N LYS B 81 -1.55 2.24 -9.19
CA LYS B 81 -1.06 3.12 -8.13
C LYS B 81 -0.13 2.40 -7.16
N GLY B 82 0.20 1.16 -7.47
CA GLY B 82 1.03 0.35 -6.60
C GLY B 82 2.53 0.54 -6.85
N ASP B 83 3.33 -0.34 -6.26
CA ASP B 83 4.77 -0.23 -6.31
C ASP B 83 5.42 -1.41 -7.05
N ALA B 84 4.60 -2.31 -7.56
CA ALA B 84 5.09 -3.49 -8.26
C ALA B 84 5.99 -3.12 -9.44
N ASP B 85 6.99 -3.95 -9.69
CA ASP B 85 7.96 -3.70 -10.76
C ASP B 85 7.47 -4.23 -12.10
N LEU B 86 6.85 -5.41 -12.08
CA LEU B 86 6.26 -5.97 -13.29
C LEU B 86 5.08 -6.90 -12.96
N VAL B 87 4.30 -7.23 -13.98
CA VAL B 87 3.06 -7.98 -13.78
C VAL B 87 3.11 -9.36 -14.45
N ILE B 88 2.39 -10.30 -13.85
CA ILE B 88 2.23 -11.62 -14.45
C ILE B 88 0.76 -11.99 -14.57
N LEU B 89 0.31 -12.23 -15.80
CA LEU B 89 -1.06 -12.62 -16.06
C LEU B 89 -1.15 -14.15 -16.08
N VAL B 90 -1.78 -14.73 -15.07
CA VAL B 90 -2.02 -16.17 -15.04
C VAL B 90 -3.21 -16.52 -15.93
N ALA B 91 -2.95 -17.06 -17.11
CA ALA B 91 -4.00 -17.40 -18.06
C ALA B 91 -4.28 -18.90 -18.09
N ASP B 92 -5.55 -19.26 -18.17
CA ASP B 92 -5.95 -20.67 -18.26
C ASP B 92 -5.78 -21.16 -19.70
N SER B 93 -4.80 -22.04 -19.91
CA SER B 93 -4.48 -22.54 -21.24
C SER B 93 -5.70 -23.07 -21.97
N VAL B 94 -6.42 -23.99 -21.33
CA VAL B 94 -7.57 -24.64 -21.96
C VAL B 94 -8.72 -23.69 -22.27
N ASN B 95 -8.70 -22.51 -21.65
CA ASN B 95 -9.69 -21.46 -21.96
C ASN B 95 -9.07 -20.06 -21.83
N PRO B 96 -8.28 -19.65 -22.83
CA PRO B 96 -7.52 -18.40 -22.79
C PRO B 96 -8.31 -17.14 -23.14
N GLU B 97 -9.56 -17.28 -23.58
CA GLU B 97 -10.33 -16.12 -24.04
C GLU B 97 -10.43 -15.01 -23.01
N GLN B 98 -11.13 -15.27 -21.91
CA GLN B 98 -11.29 -14.28 -20.86
C GLN B 98 -9.95 -13.78 -20.34
N SER B 99 -9.00 -14.68 -20.20
CA SER B 99 -7.65 -14.31 -19.76
C SER B 99 -7.00 -13.32 -20.71
N LEU B 100 -7.12 -13.57 -22.00
CA LEU B 100 -6.54 -12.71 -23.02
C LEU B 100 -7.23 -11.34 -23.04
N TYR B 101 -8.52 -11.35 -22.75
CA TYR B 101 -9.31 -10.13 -22.68
C TYR B 101 -8.76 -9.23 -21.57
N LEU B 102 -8.65 -9.79 -20.38
CA LEU B 102 -8.08 -9.06 -19.24
C LEU B 102 -6.66 -8.60 -19.57
N LEU B 103 -5.89 -9.50 -20.17
CA LEU B 103 -4.52 -9.22 -20.57
C LEU B 103 -4.40 -7.94 -21.37
N LEU B 104 -5.33 -7.74 -22.30
CA LEU B 104 -5.32 -6.57 -23.16
C LEU B 104 -5.56 -5.31 -22.34
N GLU B 105 -6.54 -5.36 -21.45
CA GLU B 105 -6.87 -4.24 -20.58
C GLU B 105 -5.63 -3.80 -19.82
N ILE B 106 -4.79 -4.77 -19.45
CA ILE B 106 -3.58 -4.49 -18.68
C ILE B 106 -2.46 -3.95 -19.55
N LEU B 107 -2.31 -4.50 -20.75
CA LEU B 107 -1.24 -4.10 -21.65
C LEU B 107 -1.32 -2.63 -22.03
N GLU B 108 -2.54 -2.10 -22.03
CA GLU B 108 -2.76 -0.69 -22.35
C GLU B 108 -2.42 0.21 -21.17
N MET B 109 -1.94 -0.39 -20.09
CA MET B 109 -1.59 0.36 -18.88
C MET B 109 -0.17 0.90 -18.92
N GLU B 110 0.63 0.41 -19.86
CA GLU B 110 2.04 0.79 -19.92
C GLU B 110 2.84 0.16 -18.79
N LYS B 111 2.55 -1.09 -18.49
CA LYS B 111 3.27 -1.80 -17.44
C LYS B 111 3.90 -3.08 -17.98
N LYS B 112 5.13 -3.35 -17.56
CA LYS B 112 5.82 -4.56 -17.96
C LYS B 112 5.01 -5.78 -17.57
N VAL B 113 4.59 -6.56 -18.56
CA VAL B 113 3.75 -7.73 -18.31
C VAL B 113 4.35 -9.02 -18.84
N ILE B 114 4.09 -10.12 -18.15
CA ILE B 114 4.51 -11.44 -18.57
C ILE B 114 3.39 -12.43 -18.24
N LEU B 115 2.90 -13.15 -19.26
CA LEU B 115 1.78 -14.05 -19.05
C LEU B 115 2.19 -15.52 -18.96
N ALA B 116 1.53 -16.25 -18.06
CA ALA B 116 1.80 -17.67 -17.89
C ALA B 116 0.58 -18.47 -18.30
N MET B 117 0.77 -19.44 -19.20
CA MET B 117 -0.35 -20.18 -19.75
C MET B 117 -0.86 -21.24 -18.78
N THR B 118 0.03 -21.81 -17.98
CA THR B 118 -0.36 -22.83 -17.01
C THR B 118 -1.39 -23.81 -17.55
N LYS B 124 -1.98 -30.20 -22.48
CA LYS B 124 -1.65 -30.96 -23.68
C LYS B 124 -2.34 -32.32 -23.68
N LYS B 125 -2.85 -32.72 -22.52
CA LYS B 125 -3.53 -34.01 -22.39
C LYS B 125 -4.85 -34.05 -23.16
N THR B 126 -5.27 -32.89 -23.67
CA THR B 126 -6.51 -32.81 -24.45
C THR B 126 -6.24 -32.81 -25.94
N GLY B 127 -5.00 -32.53 -26.33
CA GLY B 127 -4.61 -32.56 -27.73
C GLY B 127 -4.40 -31.18 -28.33
N MET B 128 -4.93 -30.15 -27.67
CA MET B 128 -4.79 -28.78 -28.14
C MET B 128 -3.33 -28.41 -28.35
N LYS B 129 -3.06 -27.62 -29.37
CA LYS B 129 -1.69 -27.20 -29.69
C LYS B 129 -1.55 -25.69 -29.64
N ILE B 130 -0.66 -25.21 -28.77
CA ILE B 130 -0.44 -23.78 -28.62
C ILE B 130 0.88 -23.35 -29.24
N ASP B 131 0.81 -22.46 -30.22
CA ASP B 131 2.00 -21.91 -30.86
C ASP B 131 2.61 -20.83 -29.98
N ARG B 132 3.47 -21.23 -29.05
CA ARG B 132 4.08 -20.30 -28.10
C ARG B 132 4.77 -19.13 -28.80
N TYR B 133 5.11 -19.31 -30.07
CA TYR B 133 5.75 -18.26 -30.84
C TYR B 133 4.71 -17.28 -31.37
N GLU B 134 3.53 -17.80 -31.71
CA GLU B 134 2.45 -17.00 -32.28
C GLU B 134 1.95 -15.93 -31.31
N LEU B 135 1.72 -16.33 -30.07
CA LEU B 135 1.19 -15.41 -29.06
C LEU B 135 2.09 -14.19 -28.87
N GLN B 136 3.38 -14.43 -28.72
CA GLN B 136 4.34 -13.36 -28.49
C GLN B 136 4.40 -12.37 -29.67
N LYS B 137 3.83 -12.77 -30.80
CA LYS B 137 3.81 -11.92 -31.99
C LYS B 137 2.84 -10.75 -31.83
N HIS B 138 1.56 -11.07 -31.67
CA HIS B 138 0.53 -10.06 -31.52
C HIS B 138 0.67 -9.28 -30.21
N LEU B 139 0.89 -10.00 -29.11
CA LEU B 139 0.95 -9.39 -27.79
C LEU B 139 2.15 -8.45 -27.65
N GLY B 140 3.31 -8.93 -28.09
CA GLY B 140 4.52 -8.12 -28.05
C GLY B 140 5.27 -8.21 -26.73
N ILE B 141 4.93 -9.19 -25.91
CA ILE B 141 5.58 -9.38 -24.62
C ILE B 141 5.79 -10.86 -24.30
N PRO B 142 6.78 -11.17 -23.43
CA PRO B 142 7.21 -12.51 -23.06
C PRO B 142 6.07 -13.46 -22.69
N VAL B 143 6.21 -14.73 -23.07
CA VAL B 143 5.20 -15.75 -22.80
C VAL B 143 5.85 -17.04 -22.31
N VAL B 144 5.28 -17.63 -21.27
CA VAL B 144 5.79 -18.89 -20.72
C VAL B 144 4.66 -19.79 -20.27
N PHE B 145 4.84 -21.10 -20.42
CA PHE B 145 3.86 -22.06 -19.94
C PHE B 145 4.30 -22.68 -18.63
N THR B 146 3.36 -22.80 -17.70
CA THR B 146 3.57 -23.56 -16.47
C THR B 146 2.53 -24.66 -16.49
N SER B 147 2.49 -25.50 -15.46
CA SER B 147 1.55 -26.62 -15.49
C SER B 147 1.15 -27.19 -14.14
N SER B 148 0.16 -28.07 -14.19
CA SER B 148 -0.30 -28.81 -13.04
C SER B 148 0.80 -29.73 -12.53
N VAL B 149 1.52 -29.26 -11.52
CA VAL B 149 2.58 -30.02 -10.85
C VAL B 149 3.84 -30.27 -11.67
N THR B 150 3.74 -30.19 -13.00
CA THR B 150 4.90 -30.45 -13.85
C THR B 150 6.05 -29.51 -13.48
N GLY B 151 5.72 -28.36 -12.91
CA GLY B 151 6.72 -27.39 -12.52
C GLY B 151 7.51 -26.88 -13.71
N GLU B 152 6.96 -27.10 -14.91
CA GLU B 152 7.61 -26.68 -16.13
C GLU B 152 7.50 -25.18 -16.32
N GLY B 153 8.55 -24.57 -16.86
CA GLY B 153 8.55 -23.14 -17.13
C GLY B 153 8.72 -22.29 -15.89
N LEU B 154 8.38 -22.84 -14.73
CA LEU B 154 8.50 -22.13 -13.47
C LEU B 154 9.86 -21.46 -13.33
N GLU B 155 10.89 -22.11 -13.87
CA GLU B 155 12.24 -21.56 -13.83
C GLU B 155 12.46 -20.56 -14.97
N GLU B 156 12.01 -20.92 -16.17
CA GLU B 156 12.08 -20.02 -17.30
C GLU B 156 11.39 -18.71 -16.97
N LEU B 157 10.32 -18.81 -16.18
CA LEU B 157 9.56 -17.64 -15.75
C LEU B 157 10.39 -16.79 -14.81
N LYS B 158 10.88 -17.41 -13.73
CA LYS B 158 11.71 -16.72 -12.75
C LYS B 158 12.85 -15.98 -13.46
N GLU B 159 13.46 -16.65 -14.42
CA GLU B 159 14.54 -16.07 -15.19
C GLU B 159 14.03 -14.94 -16.08
N LYS B 160 12.87 -15.16 -16.68
CA LYS B 160 12.24 -14.13 -17.52
C LYS B 160 11.91 -12.90 -16.68
N ILE B 161 11.56 -13.13 -15.43
CA ILE B 161 11.21 -12.04 -14.51
C ILE B 161 12.40 -11.13 -14.27
N VAL B 162 13.47 -11.70 -13.71
CA VAL B 162 14.66 -10.92 -13.37
C VAL B 162 15.29 -10.25 -14.60
N GLU B 163 15.26 -10.93 -15.73
CA GLU B 163 15.78 -10.37 -16.97
C GLU B 163 14.97 -9.13 -17.35
N TYR B 164 13.65 -9.24 -17.23
CA TYR B 164 12.75 -8.15 -17.53
C TYR B 164 12.89 -7.05 -16.48
N ALA B 165 13.04 -7.45 -15.23
CA ALA B 165 13.15 -6.50 -14.12
C ALA B 165 14.41 -5.66 -14.23
N GLN B 166 15.47 -6.24 -14.78
CA GLN B 166 16.70 -5.50 -15.05
C GLN B 166 16.53 -4.66 -16.31
N LYS B 167 15.75 -5.19 -17.26
CA LYS B 167 15.44 -4.46 -18.48
C LYS B 167 14.83 -3.11 -18.13
N ASN B 168 15.31 -2.06 -18.80
CA ASN B 168 14.92 -0.69 -18.46
C ASN B 168 13.54 -0.30 -18.99
N THR B 169 13.24 -0.70 -20.22
CA THR B 169 12.01 -0.27 -20.88
C THR B 169 11.03 -1.42 -21.11
N ILE B 170 9.88 -1.08 -21.67
CA ILE B 170 8.85 -2.08 -21.99
C ILE B 170 9.12 -2.65 -23.38
N LEU B 171 8.64 -3.86 -23.62
CA LEU B 171 8.89 -4.54 -24.89
C LEU B 171 7.82 -4.21 -25.93
N HIS B 172 6.62 -3.91 -25.47
CA HIS B 172 5.49 -3.68 -26.36
C HIS B 172 5.03 -2.24 -26.38
N ARG B 173 4.36 -1.86 -27.46
CA ARG B 173 3.74 -0.54 -27.58
C ARG B 173 2.31 -0.72 -28.07
N MET B 174 1.56 -1.53 -27.34
CA MET B 174 0.21 -1.92 -27.75
C MET B 174 -0.70 -0.73 -28.05
N ILE B 175 -0.85 -0.43 -29.34
CA ILE B 175 -1.79 0.60 -29.76
C ILE B 175 -2.91 -0.02 -30.60
N LEU B 176 -3.82 -0.71 -29.92
CA LEU B 176 -4.94 -1.36 -30.58
C LEU B 176 -5.95 -0.33 -31.08
N ASP B 177 -6.13 -0.27 -32.40
CA ASP B 177 -7.01 0.71 -33.03
C ASP B 177 -8.47 0.33 -32.87
N TYR B 178 -9.30 1.31 -32.53
CA TYR B 178 -10.72 1.04 -32.27
C TYR B 178 -11.63 1.64 -33.34
N GLY B 179 -11.04 2.33 -34.31
CA GLY B 179 -11.80 2.94 -35.39
C GLY B 179 -11.50 4.42 -35.54
N GLU B 180 -11.91 4.98 -36.67
CA GLU B 180 -11.68 6.39 -36.96
C GLU B 180 -12.29 7.29 -35.88
N LYS B 181 -13.55 7.05 -35.55
CA LYS B 181 -14.27 7.86 -34.57
C LYS B 181 -13.60 7.83 -33.20
N VAL B 182 -13.36 6.62 -32.69
CA VAL B 182 -12.76 6.45 -31.37
C VAL B 182 -11.36 7.07 -31.28
N GLU B 183 -10.48 6.67 -32.20
CA GLU B 183 -9.11 7.16 -32.21
C GLU B 183 -9.06 8.68 -32.30
N SER B 184 -9.98 9.23 -33.08
CA SER B 184 -10.11 10.68 -33.20
C SER B 184 -10.37 11.29 -31.83
N GLU B 185 -11.28 10.68 -31.08
CA GLU B 185 -11.66 11.17 -29.76
C GLU B 185 -10.53 10.96 -28.76
N ILE B 186 -9.80 9.86 -28.93
CA ILE B 186 -8.65 9.58 -28.09
C ILE B 186 -7.60 10.66 -28.23
N LYS B 187 -7.27 11.01 -29.47
CA LYS B 187 -6.25 12.02 -29.74
C LYS B 187 -6.63 13.36 -29.12
N LYS B 188 -7.92 13.69 -29.19
CA LYS B 188 -8.42 14.95 -28.64
C LYS B 188 -8.26 14.99 -27.13
N VAL B 189 -8.40 13.82 -26.49
CA VAL B 189 -8.23 13.71 -25.05
C VAL B 189 -6.75 13.74 -24.67
N GLU B 190 -5.94 12.95 -25.39
CA GLU B 190 -4.50 12.90 -25.15
C GLU B 190 -3.90 14.30 -25.15
N ASN B 191 -4.32 15.10 -26.12
CA ASN B 191 -3.80 16.46 -26.27
C ASN B 191 -4.22 17.39 -25.14
N PHE B 192 -5.41 17.16 -24.59
CA PHE B 192 -5.89 17.93 -23.46
C PHE B 192 -5.11 17.57 -22.20
N LEU B 193 -4.70 16.31 -22.12
CA LEU B 193 -3.97 15.81 -20.97
C LEU B 193 -2.48 16.12 -21.09
N ARG B 194 -2.10 16.79 -22.18
CA ARG B 194 -0.70 17.13 -22.42
C ARG B 194 -0.13 18.02 -21.32
N ASP B 195 -0.81 19.13 -21.03
CA ASP B 195 -0.39 20.04 -19.99
C ASP B 195 -0.55 19.42 -18.61
N LYS B 196 -1.64 18.70 -18.42
CA LYS B 196 -1.95 18.07 -17.14
C LYS B 196 -0.92 17.01 -16.76
N LYS B 197 -0.67 16.88 -15.45
CA LYS B 197 0.21 15.84 -14.96
C LYS B 197 -0.61 14.61 -14.61
N LEU B 198 -0.04 13.42 -14.79
CA LEU B 198 -0.77 12.19 -14.51
C LEU B 198 0.15 10.98 -14.31
N ARG B 199 -0.31 10.04 -13.51
CA ARG B 199 0.46 8.84 -13.17
C ARG B 199 0.17 7.68 -14.12
N ILE B 200 -0.54 7.95 -15.21
CA ILE B 200 -0.86 6.90 -16.17
C ILE B 200 -0.94 7.42 -17.60
N ASN B 201 -0.56 6.59 -18.57
CA ASN B 201 -0.51 7.02 -19.96
C ASN B 201 -1.87 7.54 -20.43
N PRO B 202 -1.88 8.74 -21.03
CA PRO B 202 -3.07 9.49 -21.42
C PRO B 202 -4.03 8.69 -22.31
N ARG B 203 -3.51 7.73 -23.07
CA ARG B 203 -4.38 6.93 -23.92
C ARG B 203 -5.26 6.02 -23.08
N TYR B 204 -4.66 5.31 -22.15
CA TYR B 204 -5.41 4.46 -21.24
C TYR B 204 -6.46 5.31 -20.51
N PHE B 205 -6.06 6.51 -20.12
CA PHE B 205 -6.96 7.45 -19.48
C PHE B 205 -8.14 7.74 -20.40
N ALA B 206 -7.83 8.05 -21.66
CA ALA B 206 -8.84 8.36 -22.65
C ALA B 206 -9.87 7.24 -22.79
N LEU B 207 -9.39 6.02 -22.95
CA LEU B 207 -10.27 4.86 -23.06
C LEU B 207 -11.25 4.75 -21.90
N LYS B 208 -10.72 4.76 -20.68
CA LYS B 208 -11.55 4.63 -19.49
C LYS B 208 -12.53 5.79 -19.35
N TYR B 209 -12.04 7.00 -19.60
CA TYR B 209 -12.87 8.19 -19.56
C TYR B 209 -14.02 8.08 -20.57
N LEU B 210 -13.68 7.72 -21.80
CA LEU B 210 -14.69 7.56 -22.85
C LEU B 210 -15.71 6.48 -22.50
N SER B 211 -15.27 5.44 -21.79
CA SER B 211 -16.16 4.32 -21.47
C SER B 211 -16.98 4.59 -20.22
N GLY B 212 -16.79 5.77 -19.64
CA GLY B 212 -17.55 6.17 -18.46
C GLY B 212 -17.15 5.45 -17.19
N ASP B 213 -15.88 5.06 -17.10
CA ASP B 213 -15.38 4.46 -15.86
C ASP B 213 -15.68 5.37 -14.67
N PRO B 214 -16.18 4.80 -13.57
CA PRO B 214 -16.56 5.63 -12.43
C PRO B 214 -15.42 6.51 -11.93
N GLU B 215 -14.18 6.04 -12.07
CA GLU B 215 -13.04 6.82 -11.61
C GLU B 215 -12.55 7.78 -12.69
N PHE B 216 -12.16 7.23 -13.84
CA PHE B 216 -11.55 8.03 -14.90
C PHE B 216 -12.50 9.03 -15.56
N TYR B 217 -13.78 8.68 -15.67
CA TYR B 217 -14.73 9.63 -16.24
C TYR B 217 -14.93 10.82 -15.30
N SER B 218 -15.15 10.51 -14.02
CA SER B 218 -15.34 11.54 -13.01
C SER B 218 -14.11 12.44 -12.90
N GLU B 219 -12.94 11.83 -12.97
CA GLU B 219 -11.68 12.56 -12.86
C GLU B 219 -11.44 13.41 -14.11
N GLY B 220 -11.88 12.89 -15.26
CA GLY B 220 -11.72 13.60 -16.51
C GLY B 220 -12.45 14.93 -16.49
N VAL B 221 -13.73 14.89 -16.13
CA VAL B 221 -14.54 16.10 -16.06
C VAL B 221 -13.96 17.09 -15.05
N LYS B 222 -13.38 16.56 -13.99
CA LYS B 222 -12.77 17.39 -12.96
C LYS B 222 -11.57 18.15 -13.51
N LEU B 223 -10.84 17.53 -14.43
CA LEU B 223 -9.67 18.17 -15.03
C LEU B 223 -10.06 19.24 -16.04
N GLY B 224 -11.18 19.01 -16.73
CA GLY B 224 -11.65 19.98 -17.71
C GLY B 224 -12.24 19.33 -18.95
N LEU B 225 -12.14 18.01 -19.05
CA LEU B 225 -12.70 17.29 -20.19
C LEU B 225 -14.21 17.44 -20.22
N PRO B 226 -14.81 17.36 -21.41
CA PRO B 226 -16.26 17.53 -21.56
C PRO B 226 -17.03 16.41 -20.89
N GLU B 227 -18.19 16.72 -20.33
CA GLU B 227 -19.07 15.70 -19.82
C GLU B 227 -19.57 14.89 -21.02
N LEU B 228 -19.97 13.65 -20.76
CA LEU B 228 -20.47 12.80 -21.83
C LEU B 228 -21.89 12.33 -21.50
N SER B 229 -22.66 12.05 -22.53
CA SER B 229 -24.00 11.52 -22.33
C SER B 229 -23.91 10.08 -21.82
N GLU B 230 -25.00 9.58 -21.24
CA GLU B 230 -25.01 8.22 -20.74
C GLU B 230 -24.87 7.24 -21.92
N GLU B 231 -25.47 7.61 -23.04
CA GLU B 231 -25.44 6.79 -24.26
C GLU B 231 -24.02 6.69 -24.83
N GLU B 232 -23.37 7.84 -24.98
CA GLU B 232 -22.00 7.90 -25.50
C GLU B 232 -21.07 6.97 -24.72
N ARG B 233 -21.06 7.11 -23.40
CA ARG B 233 -20.21 6.31 -22.53
C ARG B 233 -20.47 4.82 -22.76
N ILE B 234 -21.74 4.44 -22.84
CA ILE B 234 -22.10 3.05 -23.10
C ILE B 234 -21.58 2.61 -24.46
N GLY B 235 -21.83 3.41 -25.49
CA GLY B 235 -21.38 3.09 -26.83
C GLY B 235 -19.88 2.86 -26.89
N TYR B 236 -19.12 3.77 -26.31
CA TYR B 236 -17.67 3.66 -26.29
C TYR B 236 -17.21 2.38 -25.59
N ARG B 237 -17.75 2.12 -24.40
CA ARG B 237 -17.40 0.90 -23.67
C ARG B 237 -17.70 -0.35 -24.50
N LEU B 238 -18.93 -0.47 -24.98
CA LEU B 238 -19.30 -1.61 -25.81
C LEU B 238 -18.36 -1.78 -26.98
N LEU B 239 -18.12 -0.67 -27.68
CA LEU B 239 -17.26 -0.67 -28.86
C LEU B 239 -15.85 -1.13 -28.51
N ILE B 240 -15.29 -0.54 -27.45
CA ILE B 240 -13.94 -0.88 -27.01
C ILE B 240 -13.84 -2.35 -26.61
N ALA B 241 -14.86 -2.84 -25.92
CA ALA B 241 -14.92 -4.24 -25.53
C ALA B 241 -15.04 -5.12 -26.78
N LYS B 242 -15.95 -4.75 -27.67
CA LYS B 242 -16.18 -5.50 -28.90
C LYS B 242 -14.88 -5.81 -29.63
N ARG B 243 -14.05 -4.79 -29.85
CA ARG B 243 -12.77 -5.00 -30.51
C ARG B 243 -11.85 -5.93 -29.72
N LYS B 244 -11.70 -5.65 -28.43
CA LYS B 244 -10.89 -6.50 -27.58
C LYS B 244 -11.31 -7.96 -27.75
N ARG B 245 -12.62 -8.20 -27.63
CA ARG B 245 -13.17 -9.54 -27.75
C ARG B 245 -12.83 -10.15 -29.10
N GLU B 246 -13.15 -9.42 -30.18
CA GLU B 246 -12.84 -9.90 -31.53
C GLU B 246 -11.35 -10.19 -31.67
N TYR B 247 -10.53 -9.25 -31.21
CA TYR B 247 -9.08 -9.41 -31.26
C TYR B 247 -8.65 -10.69 -30.54
N VAL B 248 -9.25 -10.93 -29.38
CA VAL B 248 -8.99 -12.14 -28.62
C VAL B 248 -9.27 -13.37 -29.48
N GLU B 249 -10.51 -13.49 -29.94
CA GLU B 249 -10.91 -14.60 -30.80
C GLU B 249 -9.92 -14.82 -31.94
N ASN B 250 -9.43 -13.72 -32.51
CA ASN B 250 -8.40 -13.78 -33.53
C ASN B 250 -7.18 -14.57 -33.07
N VAL B 251 -6.57 -14.11 -31.97
CA VAL B 251 -5.40 -14.78 -31.42
C VAL B 251 -5.71 -16.24 -31.08
N VAL B 252 -6.89 -16.48 -30.54
CA VAL B 252 -7.32 -17.85 -30.21
C VAL B 252 -7.29 -18.74 -31.44
N LYS B 253 -7.57 -18.17 -32.61
CA LYS B 253 -7.50 -18.91 -33.86
C LYS B 253 -6.06 -19.26 -34.20
N GLU B 254 -5.18 -18.26 -34.16
CA GLU B 254 -3.76 -18.48 -34.41
C GLU B 254 -3.04 -19.01 -33.18
N ALA B 255 -3.31 -20.27 -32.84
CA ALA B 255 -2.74 -20.96 -31.69
C ALA B 255 -3.76 -21.16 -30.58
S SO4 C . -3.23 19.27 8.54
O1 SO4 C . -3.17 17.82 8.45
O2 SO4 C . -1.96 19.85 8.10
O3 SO4 C . -4.31 19.75 7.67
O4 SO4 C . -3.50 19.69 9.91
C1 MPD D . 0.47 -10.09 13.66
C2 MPD D . -0.16 -8.89 12.97
O2 MPD D . 0.25 -7.67 13.62
CM MPD D . 0.31 -8.85 11.52
C3 MPD D . -1.68 -8.98 12.99
C4 MPD D . -2.17 -10.06 13.95
O4 MPD D . -3.22 -9.57 14.74
C5 MPD D . -2.65 -11.28 13.16
N1 EPE E . -1.79 24.01 13.82
C2 EPE E . -2.68 22.90 14.21
C3 EPE E . -3.75 23.38 15.18
N4 EPE E . -3.14 24.07 16.30
C5 EPE E . -1.71 24.21 16.31
C6 EPE E . -1.19 24.72 14.97
C7 EPE E . -3.90 24.34 17.51
C8 EPE E . -4.74 23.16 17.96
O8 EPE E . -5.89 23.05 17.15
C9 EPE E . -0.73 23.51 12.93
C10 EPE E . -0.50 24.51 11.81
S EPE E . 0.37 23.82 10.38
O1S EPE E . 1.43 22.93 10.85
O2S EPE E . 0.96 24.91 9.60
O3S EPE E . -0.56 23.07 9.55
C1 MRD F . -21.64 1.51 -15.82
C2 MRD F . -21.10 2.91 -15.60
O2 MRD F . -22.09 3.74 -14.95
CM MRD F . -19.88 2.81 -14.69
C3 MRD F . -20.68 3.57 -16.92
C4 MRD F . -20.50 2.54 -18.02
O4 MRD F . -19.12 2.38 -18.24
C5 MRD F . -21.14 3.03 -19.33
C1 MPD G . -24.22 5.69 -14.76
C2 MPD G . -24.81 5.22 -16.08
O2 MPD G . -23.86 5.44 -17.15
CM MPD G . -26.07 6.02 -16.38
C3 MPD G . -25.12 3.73 -15.99
C4 MPD G . -25.91 3.20 -17.18
O4 MPD G . -25.50 1.87 -17.46
C5 MPD G . -27.41 3.20 -16.92
S SO4 H . -8.15 -21.17 -7.69
O1 SO4 H . -9.27 -21.91 -7.09
O2 SO4 H . -8.27 -21.21 -9.14
O3 SO4 H . -8.20 -19.78 -7.23
O4 SO4 H . -6.89 -21.79 -7.28
#